data_2Z3I
#
_entry.id   2Z3I
#
_cell.length_a   55.330
_cell.length_b   69.578
_cell.length_c   145.990
_cell.angle_alpha   90.00
_cell.angle_beta   90.00
_cell.angle_gamma   90.00
#
_symmetry.space_group_name_H-M   'P 21 21 21'
#
loop_
_entity.id
_entity.type
_entity.pdbx_description
1 polymer 'Blasticidin-S deaminase'
2 non-polymer 'BLASTICIDIN S'
3 non-polymer 'ZINC ION'
4 non-polymer 'CACODYLATE ION'
5 water water
#
_entity_poly.entity_id   1
_entity_poly.type   'polypeptide(L)'
_entity_poly.pdbx_seq_one_letter_code
;MPLSQEESTLIERATATINSIPISEDYSVASAALSSDGRIFTGVNVYHFTGGPCAQLVVLGTAAAAAAGNLTCIVAIGNE
NRGILSPCGRCRQVLLDLHPGIKAIVKDSDGQPTAVGIRELLPSGYVWEG
;
_entity_poly.pdbx_strand_id   A,B,C,D
#
# COMPACT_ATOMS: atom_id res chain seq x y z
N PRO A 2 21.05 -9.74 26.58
CA PRO A 2 22.11 -8.99 25.91
C PRO A 2 22.27 -9.38 24.44
N LEU A 3 23.45 -9.11 23.87
CA LEU A 3 23.66 -9.24 22.43
C LEU A 3 24.24 -10.59 21.95
N SER A 4 23.36 -11.47 21.47
CA SER A 4 23.77 -12.79 20.98
C SER A 4 24.49 -12.73 19.62
N GLN A 5 25.05 -13.86 19.19
CA GLN A 5 25.84 -13.91 17.97
C GLN A 5 25.00 -13.80 16.70
N GLU A 6 23.92 -14.57 16.64
CA GLU A 6 23.01 -14.56 15.50
C GLU A 6 22.39 -13.17 15.27
N GLU A 7 21.95 -12.52 16.37
CA GLU A 7 21.45 -11.14 16.41
C GLU A 7 22.44 -10.13 15.85
N SER A 8 23.68 -10.25 16.31
CA SER A 8 24.77 -9.38 15.93
C SER A 8 25.06 -9.56 14.46
N THR A 9 25.04 -10.82 14.00
CA THR A 9 25.28 -11.11 12.59
C THR A 9 24.24 -10.47 11.68
N LEU A 10 22.97 -10.53 12.08
CA LEU A 10 21.90 -9.87 11.30
C LEU A 10 22.16 -8.39 11.17
N ILE A 11 22.45 -7.73 12.30
CA ILE A 11 22.76 -6.29 12.30
C ILE A 11 23.91 -6.00 11.37
N GLU A 12 24.98 -6.80 11.49
CA GLU A 12 26.17 -6.66 10.61
C GLU A 12 25.79 -6.80 9.15
N ARG A 13 24.98 -7.82 8.83
CA ARG A 13 24.62 -8.08 7.44
C ARG A 13 23.78 -6.93 6.83
N ALA A 14 22.80 -6.44 7.57
CA ALA A 14 21.94 -5.36 7.04
C ALA A 14 22.73 -4.05 6.91
N THR A 15 23.58 -3.77 7.90
CA THR A 15 24.43 -2.58 7.87
C THR A 15 25.34 -2.62 6.64
N ALA A 16 25.98 -3.75 6.37
CA ALA A 16 26.87 -3.86 5.21
C ALA A 16 26.12 -3.66 3.90
N THR A 17 24.90 -4.19 3.83
CA THR A 17 24.07 -4.03 2.64
C THR A 17 23.77 -2.56 2.37
N ILE A 18 23.27 -1.83 3.36
CA ILE A 18 22.91 -0.43 3.13
C ILE A 18 24.17 0.42 2.85
N ASN A 19 25.26 0.15 3.58
CA ASN A 19 26.51 0.86 3.32
C ASN A 19 27.12 0.65 1.94
N SER A 20 26.81 -0.47 1.29
CA SER A 20 27.46 -0.84 0.02
C SER A 20 26.85 -0.14 -1.21
N ILE A 21 25.66 0.44 -1.06
CA ILE A 21 24.93 0.96 -2.21
C ILE A 21 24.99 2.49 -2.27
N PRO A 22 24.83 3.06 -3.48
CA PRO A 22 24.84 4.51 -3.60
C PRO A 22 23.77 5.14 -2.69
N ILE A 23 24.13 6.26 -2.05
CA ILE A 23 23.19 6.99 -1.21
C ILE A 23 21.99 7.42 -2.07
N SER A 24 20.79 7.14 -1.55
CA SER A 24 19.56 7.28 -2.32
C SER A 24 18.40 7.56 -1.38
N GLU A 25 17.47 8.42 -1.82
CA GLU A 25 16.21 8.63 -1.08
C GLU A 25 15.15 7.59 -1.42
N ASP A 26 15.38 6.86 -2.51
CA ASP A 26 14.48 5.76 -2.90
C ASP A 26 14.83 4.45 -2.19
N TYR A 27 16.13 4.22 -2.01
CA TYR A 27 16.67 2.99 -1.44
C TYR A 27 17.58 3.38 -0.27
N SER A 28 16.99 3.49 0.92
CA SER A 28 17.64 4.15 2.07
C SER A 28 17.74 3.31 3.34
N VAL A 29 17.21 2.09 3.27
CA VAL A 29 17.18 1.19 4.43
C VAL A 29 17.41 -0.23 3.92
N ALA A 30 18.26 -0.98 4.63
CA ALA A 30 18.38 -2.40 4.39
C ALA A 30 17.80 -3.23 5.53
N SER A 31 17.45 -4.47 5.22
CA SER A 31 16.99 -5.41 6.25
C SER A 31 17.69 -6.75 6.05
N ALA A 32 17.82 -7.50 7.14
CA ALA A 32 18.29 -8.87 7.10
C ALA A 32 17.43 -9.70 8.02
N ALA A 33 17.12 -10.91 7.58
CA ALA A 33 16.31 -11.82 8.37
C ALA A 33 16.99 -13.17 8.43
N LEU A 34 16.78 -13.86 9.54
CA LEU A 34 17.27 -15.21 9.73
C LEU A 34 16.15 -16.22 9.59
N SER A 35 16.38 -17.29 8.82
CA SER A 35 15.39 -18.36 8.72
C SER A 35 15.65 -19.48 9.73
N SER A 36 14.61 -20.29 9.93
CA SER A 36 14.64 -21.45 10.83
C SER A 36 15.86 -22.33 10.59
N ASP A 37 16.19 -22.53 9.32
CA ASP A 37 17.29 -23.39 8.91
C ASP A 37 18.66 -22.71 8.88
N GLY A 38 18.72 -21.44 9.29
CA GLY A 38 20.00 -20.74 9.47
C GLY A 38 20.45 -19.84 8.34
N ARG A 39 19.66 -19.74 7.28
CA ARG A 39 20.03 -18.88 6.15
C ARG A 39 19.66 -17.44 6.48
N ILE A 40 20.42 -16.51 5.89
CA ILE A 40 20.16 -15.08 6.06
C ILE A 40 19.80 -14.49 4.71
N PHE A 41 18.78 -13.62 4.71
CA PHE A 41 18.30 -13.00 3.50
C PHE A 41 18.31 -11.50 3.71
N THR A 42 18.69 -10.77 2.68
CA THR A 42 18.85 -9.32 2.80
C THR A 42 17.97 -8.64 1.76
N GLY A 43 17.75 -7.33 1.90
CA GLY A 43 17.00 -6.55 0.89
C GLY A 43 17.14 -5.09 1.23
N VAL A 44 16.74 -4.20 0.31
CA VAL A 44 16.58 -2.78 0.67
C VAL A 44 15.18 -2.32 0.31
N ASN A 45 14.76 -1.18 0.85
CA ASN A 45 13.39 -0.72 0.62
C ASN A 45 13.25 -0.15 -0.79
N VAL A 46 12.01 0.09 -1.19
CA VAL A 46 11.71 0.72 -2.46
C VAL A 46 10.67 1.76 -2.14
N TYR A 47 11.09 3.02 -2.08
CA TYR A 47 10.17 4.10 -1.68
C TYR A 47 9.15 4.39 -2.78
N HIS A 48 7.88 4.44 -2.39
CA HIS A 48 6.86 4.91 -3.31
C HIS A 48 5.58 5.27 -2.55
N PHE A 49 4.94 6.36 -2.97
CA PHE A 49 3.73 6.91 -2.32
C PHE A 49 2.56 5.93 -2.37
N THR A 50 2.57 4.98 -3.30
CA THR A 50 1.51 3.96 -3.32
C THR A 50 1.81 2.80 -2.37
N GLY A 51 2.91 2.90 -1.62
CA GLY A 51 3.23 1.86 -0.64
C GLY A 51 4.35 0.96 -1.10
N GLY A 52 5.35 1.55 -1.72
CA GLY A 52 6.59 0.81 -2.03
C GLY A 52 7.03 0.05 -0.79
N PRO A 53 7.49 -1.20 -0.95
CA PRO A 53 7.81 -2.07 0.20
C PRO A 53 8.93 -1.51 1.07
N CYS A 54 8.77 -1.58 2.38
CA CYS A 54 9.90 -1.38 3.30
C CYS A 54 10.93 -2.48 3.03
N ALA A 55 12.13 -2.29 3.54
CA ALA A 55 13.19 -3.27 3.37
C ALA A 55 12.77 -4.65 3.88
N GLN A 56 12.06 -4.68 5.01
CA GLN A 56 11.63 -5.97 5.59
C GLN A 56 10.71 -6.75 4.63
N LEU A 57 9.84 -6.04 3.89
CA LEU A 57 8.95 -6.74 2.94
C LEU A 57 9.71 -7.33 1.76
N VAL A 58 10.72 -6.60 1.32
CA VAL A 58 11.59 -7.06 0.23
C VAL A 58 12.29 -8.33 0.74
N VAL A 59 12.76 -8.31 1.99
CA VAL A 59 13.41 -9.48 2.60
C VAL A 59 12.43 -10.66 2.63
N LEU A 60 11.17 -10.39 2.98
CA LEU A 60 10.19 -11.49 2.99
C LEU A 60 10.01 -12.14 1.62
N GLY A 61 10.00 -11.36 0.55
CA GLY A 61 9.85 -11.94 -0.79
C GLY A 61 11.12 -12.64 -1.24
N THR A 62 12.27 -12.11 -0.81
CA THR A 62 13.58 -12.71 -1.08
C THR A 62 13.66 -14.07 -0.38
N ALA A 63 13.19 -14.13 0.87
CA ALA A 63 13.21 -15.36 1.63
C ALA A 63 12.27 -16.39 0.98
N ALA A 64 11.07 -15.93 0.63
CA ALA A 64 10.08 -16.80 0.01
C ALA A 64 10.55 -17.33 -1.34
N ALA A 65 11.30 -16.51 -2.09
CA ALA A 65 11.86 -16.92 -3.39
C ALA A 65 12.87 -18.06 -3.21
N ALA A 66 13.48 -18.16 -2.02
CA ALA A 66 14.44 -19.21 -1.70
C ALA A 66 13.79 -20.35 -0.92
N ALA A 67 12.46 -20.38 -0.91
CA ALA A 67 11.71 -21.34 -0.09
C ALA A 67 12.24 -21.44 1.35
N ALA A 68 12.47 -20.28 1.98
CA ALA A 68 13.12 -20.22 3.29
C ALA A 68 12.28 -20.79 4.43
N GLY A 69 10.96 -20.83 4.24
CA GLY A 69 10.03 -21.19 5.29
C GLY A 69 9.91 -20.13 6.37
N ASN A 70 9.85 -20.57 7.62
CA ASN A 70 9.68 -19.66 8.76
C ASN A 70 10.90 -18.80 9.04
N LEU A 71 10.66 -17.52 9.27
CA LEU A 71 11.73 -16.59 9.63
C LEU A 71 11.68 -16.36 11.12
N THR A 72 12.84 -16.35 11.77
CA THR A 72 12.88 -16.25 13.22
C THR A 72 13.23 -14.88 13.79
N CYS A 73 13.95 -14.07 13.01
CA CYS A 73 14.37 -12.75 13.48
C CYS A 73 14.62 -11.83 12.29
N ILE A 74 14.38 -10.53 12.49
CA ILE A 74 14.57 -9.57 11.40
C ILE A 74 14.99 -8.20 11.97
N VAL A 75 15.79 -7.47 11.20
CA VAL A 75 16.26 -6.13 11.63
C VAL A 75 16.30 -5.24 10.40
N ALA A 76 16.15 -3.93 10.62
CA ALA A 76 16.30 -2.95 9.57
C ALA A 76 17.35 -1.96 10.00
N ILE A 77 18.19 -1.54 9.06
CA ILE A 77 19.27 -0.59 9.33
C ILE A 77 19.14 0.56 8.34
N GLY A 78 19.12 1.78 8.86
CA GLY A 78 19.03 2.96 8.00
C GLY A 78 20.38 3.36 7.45
N ASN A 79 20.37 4.01 6.30
CA ASN A 79 21.57 4.58 5.71
C ASN A 79 22.14 5.73 6.56
N GLU A 80 23.29 6.22 6.13
CA GLU A 80 23.97 7.35 6.79
C GLU A 80 24.14 7.14 8.28
N ASN A 81 24.52 5.93 8.66
CA ASN A 81 24.87 5.67 10.04
C ASN A 81 23.72 5.84 11.03
N ARG A 82 22.48 5.68 10.53
CA ARG A 82 21.32 5.82 11.41
C ARG A 82 21.14 4.64 12.36
N GLY A 83 21.66 3.46 12.00
CA GLY A 83 21.56 2.30 12.89
C GLY A 83 20.19 1.63 12.81
N ILE A 84 19.84 0.89 13.85
CA ILE A 84 18.61 0.09 13.85
C ILE A 84 17.39 1.01 13.76
N LEU A 85 16.46 0.66 12.86
CA LEU A 85 15.13 1.31 12.79
C LEU A 85 14.09 0.26 13.13
N SER A 86 13.14 0.62 13.99
CA SER A 86 12.06 -0.30 14.32
C SER A 86 11.19 -0.53 13.08
N PRO A 87 10.60 -1.74 12.94
CA PRO A 87 9.70 -1.96 11.81
C PRO A 87 8.54 -0.99 11.86
N CYS A 88 8.08 -0.51 10.71
CA CYS A 88 6.94 0.40 10.72
C CYS A 88 5.68 -0.43 11.01
N GLY A 89 4.57 0.25 11.28
CA GLY A 89 3.32 -0.41 11.61
C GLY A 89 2.89 -1.39 10.52
N ARG A 90 3.02 -1.00 9.24
N ARG A 90 3.02 -1.00 9.25
CA ARG A 90 2.64 -1.93 8.18
CA ARG A 90 2.67 -1.90 8.15
C ARG A 90 3.51 -3.19 8.20
C ARG A 90 3.51 -3.18 8.20
N CYS A 91 4.83 -3.03 8.35
CA CYS A 91 5.75 -4.18 8.46
C CYS A 91 5.29 -5.10 9.58
N ARG A 92 4.88 -4.52 10.71
CA ARG A 92 4.50 -5.30 11.89
C ARG A 92 3.28 -6.16 11.60
N GLN A 93 2.32 -5.56 10.87
CA GLN A 93 1.10 -6.28 10.51
C GLN A 93 1.45 -7.43 9.55
N VAL A 94 2.26 -7.14 8.52
CA VAL A 94 2.64 -8.19 7.56
C VAL A 94 3.37 -9.34 8.28
N LEU A 95 4.29 -8.97 9.15
CA LEU A 95 5.05 -9.96 9.93
C LEU A 95 4.18 -10.82 10.84
N LEU A 96 3.23 -10.19 11.53
CA LEU A 96 2.30 -10.89 12.42
C LEU A 96 1.46 -11.90 11.62
N ASP A 97 1.05 -11.50 10.43
CA ASP A 97 0.21 -12.34 9.58
C ASP A 97 0.96 -13.46 8.84
N LEU A 98 2.21 -13.20 8.45
CA LEU A 98 2.97 -14.18 7.68
C LEU A 98 4.02 -14.98 8.47
N HIS A 99 4.55 -14.38 9.53
CA HIS A 99 5.57 -15.01 10.35
C HIS A 99 5.29 -14.76 11.83
N PRO A 100 4.16 -15.28 12.34
CA PRO A 100 3.75 -14.94 13.72
C PRO A 100 4.83 -15.28 14.76
N GLY A 101 5.74 -16.18 14.42
CA GLY A 101 6.77 -16.63 15.37
C GLY A 101 8.02 -15.76 15.41
N ILE A 102 8.06 -14.75 14.53
CA ILE A 102 9.26 -13.93 14.33
C ILE A 102 9.49 -12.95 15.47
N LYS A 103 10.76 -12.58 15.65
CA LYS A 103 11.15 -11.45 16.50
C LYS A 103 11.75 -10.35 15.62
N ALA A 104 11.63 -9.11 16.06
CA ALA A 104 12.32 -8.03 15.36
C ALA A 104 13.26 -7.36 16.34
N ILE A 105 14.42 -6.96 15.83
CA ILE A 105 15.40 -6.27 16.63
C ILE A 105 15.07 -4.78 16.68
N VAL A 106 14.96 -4.23 17.88
CA VAL A 106 14.65 -2.83 18.06
C VAL A 106 15.59 -2.31 19.13
N LYS A 107 15.62 -1.00 19.34
CA LYS A 107 16.42 -0.46 20.45
C LYS A 107 15.54 -0.38 21.68
N ASP A 108 16.03 -0.93 22.80
CA ASP A 108 15.26 -0.87 24.05
C ASP A 108 15.32 0.53 24.69
N SER A 109 14.77 0.66 25.90
CA SER A 109 14.66 1.95 26.58
C SER A 109 16.01 2.56 26.96
N ASP A 110 17.07 1.75 26.85
CA ASP A 110 18.41 2.21 27.15
C ASP A 110 19.28 2.34 25.92
N GLY A 111 18.64 2.18 24.75
CA GLY A 111 19.30 2.34 23.46
C GLY A 111 19.98 1.09 22.96
N GLN A 112 19.77 -0.02 23.66
CA GLN A 112 20.44 -1.28 23.39
C GLN A 112 19.61 -2.17 22.47
N PRO A 113 20.25 -2.81 21.48
CA PRO A 113 19.50 -3.69 20.59
C PRO A 113 18.92 -4.85 21.37
N THR A 114 17.64 -5.12 21.12
CA THR A 114 16.93 -6.22 21.76
C THR A 114 15.99 -6.91 20.78
N ALA A 115 15.82 -8.22 20.91
CA ALA A 115 14.96 -8.94 20.00
C ALA A 115 13.60 -9.14 20.66
N VAL A 116 12.54 -8.65 20.01
CA VAL A 116 11.20 -8.61 20.60
C VAL A 116 10.20 -9.38 19.73
N GLY A 117 9.39 -10.24 20.38
CA GLY A 117 8.31 -10.95 19.69
C GLY A 117 7.38 -10.00 18.93
N ILE A 118 6.99 -10.35 17.72
CA ILE A 118 6.17 -9.45 16.88
C ILE A 118 4.87 -9.03 17.59
N ARG A 119 4.24 -9.97 18.30
CA ARG A 119 3.02 -9.68 19.04
C ARG A 119 3.15 -8.52 20.02
N GLU A 120 4.31 -8.43 20.68
CA GLU A 120 4.60 -7.33 21.59
C GLU A 120 4.76 -5.98 20.89
N LEU A 121 5.11 -6.02 19.61
CA LEU A 121 5.20 -4.79 18.81
C LEU A 121 3.86 -4.32 18.24
N LEU A 122 2.84 -5.20 18.31
CA LEU A 122 1.45 -4.84 17.94
C LEU A 122 0.46 -5.32 18.98
N PRO A 123 0.44 -4.69 20.16
CA PRO A 123 -0.48 -5.12 21.22
C PRO A 123 -1.93 -5.01 20.76
N SER A 124 -2.78 -5.90 21.26
CA SER A 124 -4.19 -5.96 20.81
C SER A 124 -4.27 -5.99 19.28
N GLY A 125 -3.49 -6.87 18.65
CA GLY A 125 -3.33 -6.86 17.21
C GLY A 125 -4.57 -7.29 16.44
N TYR A 126 -4.85 -6.62 15.33
CA TYR A 126 -5.79 -7.13 14.36
C TYR A 126 -5.17 -8.39 13.72
N VAL A 127 -5.90 -9.49 13.72
CA VAL A 127 -5.40 -10.71 13.05
C VAL A 127 -6.21 -10.99 11.77
N TRP A 128 -5.55 -11.00 10.63
CA TRP A 128 -6.25 -11.17 9.38
C TRP A 128 -6.82 -12.59 9.28
N GLU A 129 -8.08 -12.67 8.81
CA GLU A 129 -8.85 -13.91 8.61
C GLU A 129 -9.32 -14.61 9.90
N GLY A 130 -9.78 -13.79 10.85
CA GLY A 130 -10.32 -14.28 12.13
C GLY A 130 -9.26 -14.89 13.02
N PRO B 2 -14.25 0.81 31.31
CA PRO B 2 -14.76 2.18 31.35
C PRO B 2 -14.19 3.07 30.23
N LEU B 3 -15.06 3.87 29.62
CA LEU B 3 -14.68 4.89 28.63
C LEU B 3 -15.33 6.24 28.94
N SER B 4 -15.72 6.99 27.91
CA SER B 4 -16.49 8.23 28.11
C SER B 4 -17.89 8.06 27.51
N GLN B 5 -18.40 9.10 26.86
CA GLN B 5 -19.67 8.99 26.12
C GLN B 5 -19.54 9.55 24.69
N GLU B 6 -18.58 10.46 24.52
CA GLU B 6 -18.23 10.92 23.19
C GLU B 6 -17.61 9.78 22.37
N GLU B 7 -16.82 8.93 23.03
CA GLU B 7 -16.24 7.75 22.37
C GLU B 7 -17.30 6.67 22.11
N SER B 8 -18.27 6.59 23.01
CA SER B 8 -19.46 5.77 22.82
C SER B 8 -20.23 6.15 21.54
N THR B 9 -20.33 7.46 21.28
CA THR B 9 -20.98 7.97 20.07
C THR B 9 -20.29 7.46 18.80
N LEU B 10 -18.96 7.35 18.86
CA LEU B 10 -18.19 6.83 17.74
C LEU B 10 -18.55 5.38 17.46
N ILE B 11 -18.62 4.58 18.52
CA ILE B 11 -19.00 3.17 18.34
C ILE B 11 -20.38 3.07 17.69
N GLU B 12 -21.32 3.85 18.19
CA GLU B 12 -22.70 3.81 17.67
C GLU B 12 -22.76 4.20 16.20
N ARG B 13 -22.01 5.23 15.82
CA ARG B 13 -22.05 5.74 14.47
C ARG B 13 -21.44 4.74 13.49
N ALA B 14 -20.29 4.16 13.85
CA ALA B 14 -19.66 3.21 12.95
C ALA B 14 -20.50 1.92 12.87
N THR B 15 -21.13 1.53 13.98
CA THR B 15 -22.05 0.37 13.95
C THR B 15 -23.21 0.62 13.00
N ALA B 16 -23.82 1.81 13.12
CA ALA B 16 -24.91 2.14 12.22
C ALA B 16 -24.44 2.16 10.77
N THR B 17 -23.22 2.64 10.53
CA THR B 17 -22.72 2.72 9.17
C THR B 17 -22.57 1.35 8.52
N ILE B 18 -21.92 0.40 9.20
CA ILE B 18 -21.68 -0.89 8.57
C ILE B 18 -23.00 -1.65 8.39
N ASN B 19 -23.97 -1.39 9.26
CA ASN B 19 -25.27 -2.07 9.18
C ASN B 19 -26.26 -1.40 8.24
N SER B 20 -25.79 -0.36 7.55
CA SER B 20 -26.63 0.35 6.62
C SER B 20 -26.17 0.18 5.18
N ILE B 21 -25.21 -0.72 4.96
CA ILE B 21 -24.75 -1.02 3.60
C ILE B 21 -24.89 -2.51 3.30
N PRO B 22 -24.97 -2.88 2.02
CA PRO B 22 -25.06 -4.30 1.67
C PRO B 22 -23.86 -5.09 2.18
N ILE B 23 -24.12 -6.34 2.60
CA ILE B 23 -23.01 -7.20 2.99
C ILE B 23 -22.06 -7.37 1.82
N SER B 24 -20.77 -7.14 2.07
CA SER B 24 -19.77 -7.15 1.02
C SER B 24 -18.43 -7.62 1.55
N GLU B 25 -17.69 -8.35 0.70
CA GLU B 25 -16.33 -8.74 1.02
C GLU B 25 -15.34 -7.62 0.72
N ASP B 26 -15.77 -6.65 -0.08
CA ASP B 26 -14.92 -5.50 -0.43
C ASP B 26 -15.06 -4.35 0.55
N TYR B 27 -16.27 -4.23 1.11
CA TYR B 27 -16.63 -3.13 2.00
C TYR B 27 -17.24 -3.73 3.25
N SER B 28 -16.40 -4.05 4.22
CA SER B 28 -16.78 -4.95 5.29
C SER B 28 -16.55 -4.35 6.68
N VAL B 29 -15.95 -3.14 6.74
CA VAL B 29 -15.66 -2.50 8.03
C VAL B 29 -15.98 -1.02 7.93
N ALA B 30 -16.62 -0.47 8.97
CA ALA B 30 -16.85 0.98 9.04
C ALA B 30 -15.99 1.57 10.15
N SER B 31 -15.70 2.87 10.03
CA SER B 31 -14.96 3.61 11.04
C SER B 31 -15.62 4.96 11.31
N ALA B 32 -15.43 5.47 12.51
CA ALA B 32 -15.85 6.82 12.87
C ALA B 32 -14.74 7.44 13.70
N ALA B 33 -14.44 8.71 13.42
CA ALA B 33 -13.48 9.46 14.23
C ALA B 33 -14.14 10.76 14.73
N LEU B 34 -13.63 11.27 15.84
CA LEU B 34 -14.06 12.53 16.39
C LEU B 34 -12.96 13.57 16.20
N SER B 35 -13.34 14.75 15.73
CA SER B 35 -12.46 15.89 15.58
C SER B 35 -12.50 16.73 16.86
N SER B 36 -11.45 17.51 17.09
CA SER B 36 -11.45 18.40 18.25
C SER B 36 -12.60 19.41 18.16
N ASP B 37 -13.02 19.74 16.94
CA ASP B 37 -14.07 20.74 16.71
C ASP B 37 -15.47 20.14 16.93
N GLY B 38 -15.50 18.88 17.34
CA GLY B 38 -16.74 18.19 17.74
C GLY B 38 -17.42 17.34 16.69
N ARG B 39 -16.96 17.42 15.45
CA ARG B 39 -17.59 16.72 14.34
C ARG B 39 -17.15 15.25 14.29
N ILE B 40 -18.02 14.43 13.71
CA ILE B 40 -17.77 12.99 13.58
C ILE B 40 -17.69 12.70 12.09
N PHE B 41 -16.69 11.91 11.72
CA PHE B 41 -16.45 11.58 10.33
C PHE B 41 -16.44 10.09 10.18
N THR B 42 -17.02 9.60 9.10
CA THR B 42 -17.16 8.15 8.90
C THR B 42 -16.47 7.68 7.63
N GLY B 43 -16.39 6.36 7.45
CA GLY B 43 -15.75 5.80 6.27
C GLY B 43 -15.94 4.30 6.31
N VAL B 44 -15.82 3.65 5.16
CA VAL B 44 -15.81 2.19 5.13
C VAL B 44 -14.55 1.76 4.36
N ASN B 45 -14.00 0.57 4.66
CA ASN B 45 -12.77 0.14 3.97
C ASN B 45 -12.98 -0.12 2.47
N VAL B 46 -11.89 -0.23 1.72
CA VAL B 46 -11.94 -0.54 0.30
C VAL B 46 -10.91 -1.65 0.12
N TYR B 47 -11.35 -2.90 0.02
CA TYR B 47 -10.39 -3.98 0.00
C TYR B 47 -9.68 -4.04 -1.33
N HIS B 48 -8.35 -4.15 -1.32
CA HIS B 48 -7.62 -4.42 -2.55
C HIS B 48 -6.22 -4.92 -2.23
N PHE B 49 -5.74 -5.90 -3.01
CA PHE B 49 -4.41 -6.48 -2.80
C PHE B 49 -3.24 -5.49 -2.90
N THR B 50 -3.44 -4.36 -3.58
CA THR B 50 -2.39 -3.35 -3.67
C THR B 50 -2.41 -2.41 -2.44
N GLY B 51 -3.25 -2.74 -1.46
CA GLY B 51 -3.37 -1.94 -0.25
C GLY B 51 -4.55 -0.98 -0.28
N GLY B 52 -5.74 -1.46 -0.66
CA GLY B 52 -6.93 -0.59 -0.53
C GLY B 52 -7.02 -0.14 0.92
N PRO B 53 -7.44 1.13 1.17
CA PRO B 53 -7.43 1.67 2.52
C PRO B 53 -8.34 0.93 3.46
N CYS B 54 -7.88 0.79 4.70
CA CYS B 54 -8.75 0.38 5.80
C CYS B 54 -9.78 1.48 6.04
N ALA B 55 -10.87 1.15 6.71
CA ALA B 55 -11.91 2.14 7.01
C ALA B 55 -11.35 3.39 7.70
N GLN B 56 -10.41 3.20 8.61
CA GLN B 56 -9.77 4.36 9.28
C GLN B 56 -9.09 5.33 8.30
N LEU B 57 -8.46 4.80 7.26
CA LEU B 57 -7.77 5.68 6.33
C LEU B 57 -8.77 6.46 5.48
N VAL B 58 -9.88 5.82 5.12
CA VAL B 58 -11.00 6.53 4.46
C VAL B 58 -11.54 7.66 5.36
N VAL B 59 -11.68 7.37 6.65
CA VAL B 59 -12.07 8.39 7.64
C VAL B 59 -11.06 9.56 7.63
N LEU B 60 -9.76 9.25 7.64
CA LEU B 60 -8.78 10.33 7.58
C LEU B 60 -8.95 11.26 6.38
N GLY B 61 -9.23 10.69 5.19
CA GLY B 61 -9.37 11.50 3.96
C GLY B 61 -10.67 12.29 3.98
N THR B 62 -11.70 11.71 4.59
CA THR B 62 -13.01 12.36 4.75
C THR B 62 -12.91 13.55 5.73
N ALA B 63 -12.20 13.34 6.84
CA ALA B 63 -11.94 14.40 7.81
C ALA B 63 -11.13 15.50 7.14
N ALA B 64 -10.11 15.10 6.39
CA ALA B 64 -9.24 16.10 5.73
C ALA B 64 -10.05 16.91 4.70
N ALA B 65 -11.01 16.26 4.04
CA ALA B 65 -11.82 16.90 2.99
C ALA B 65 -12.76 17.96 3.57
N ALA B 66 -13.04 17.85 4.86
CA ALA B 66 -13.88 18.84 5.57
C ALA B 66 -13.03 19.83 6.37
N ALA B 67 -11.72 19.81 6.14
CA ALA B 67 -10.78 20.61 6.95
C ALA B 67 -10.94 20.41 8.47
N ALA B 68 -11.08 19.15 8.90
CA ALA B 68 -11.39 18.81 10.27
C ALA B 68 -10.34 19.22 11.28
N GLY B 69 -9.08 19.27 10.85
CA GLY B 69 -7.97 19.41 11.76
C GLY B 69 -7.65 18.10 12.47
N ASN B 70 -7.25 18.22 13.74
CA ASN B 70 -6.77 17.10 14.55
C ASN B 70 -7.90 16.22 15.06
N LEU B 71 -7.73 14.93 14.85
CA LEU B 71 -8.70 13.94 15.32
C LEU B 71 -8.23 13.44 16.67
N THR B 72 -9.17 13.25 17.59
CA THR B 72 -8.86 12.87 18.96
C THR B 72 -9.13 11.39 19.29
N CYS B 73 -10.05 10.76 18.53
CA CYS B 73 -10.40 9.36 18.79
C CYS B 73 -10.96 8.71 17.54
N ILE B 74 -10.75 7.40 17.42
CA ILE B 74 -11.17 6.67 16.23
C ILE B 74 -11.46 5.20 16.57
N VAL B 75 -12.41 4.61 15.85
CA VAL B 75 -12.80 3.21 16.14
C VAL B 75 -13.17 2.55 14.82
N ALA B 76 -12.97 1.24 14.73
CA ALA B 76 -13.46 0.45 13.58
C ALA B 76 -14.42 -0.62 14.09
N ILE B 77 -15.48 -0.83 13.32
CA ILE B 77 -16.53 -1.85 13.61
C ILE B 77 -16.70 -2.74 12.39
N GLY B 78 -16.53 -4.06 12.60
CA GLY B 78 -16.61 -5.05 11.51
C GLY B 78 -18.05 -5.46 11.22
N ASN B 79 -18.29 -5.86 9.99
CA ASN B 79 -19.58 -6.49 9.58
C ASN B 79 -19.65 -7.90 10.19
N GLU B 80 -20.63 -8.69 9.76
CA GLU B 80 -20.94 -10.00 10.38
C GLU B 80 -21.05 -9.89 11.91
N ASN B 81 -21.50 -8.74 12.40
CA ASN B 81 -21.67 -8.51 13.80
C ASN B 81 -20.42 -8.78 14.64
N ARG B 82 -19.25 -8.48 14.08
CA ARG B 82 -18.00 -8.74 14.79
C ARG B 82 -17.66 -7.78 15.92
N GLY B 83 -18.29 -6.61 15.90
CA GLY B 83 -17.96 -5.56 16.90
C GLY B 83 -16.65 -4.85 16.60
N ILE B 84 -15.94 -4.45 17.65
CA ILE B 84 -14.74 -3.59 17.52
C ILE B 84 -13.57 -4.37 16.93
N LEU B 85 -12.92 -3.80 15.91
CA LEU B 85 -11.68 -4.33 15.36
C LEU B 85 -10.57 -3.35 15.72
N SER B 86 -9.45 -3.88 16.22
CA SER B 86 -8.28 -3.04 16.46
C SER B 86 -7.71 -2.57 15.14
N PRO B 87 -7.16 -1.34 15.14
CA PRO B 87 -6.50 -0.81 13.93
C PRO B 87 -5.43 -1.80 13.48
N CYS B 88 -5.27 -2.00 12.18
CA CYS B 88 -4.17 -2.87 11.71
C CYS B 88 -2.86 -2.10 11.87
N GLY B 89 -1.73 -2.76 11.69
CA GLY B 89 -0.44 -2.07 11.89
C GLY B 89 -0.24 -0.91 10.93
N ARG B 90 -0.74 -1.03 9.70
N ARG B 90 -0.74 -1.02 9.71
CA ARG B 90 -0.63 0.07 8.75
CA ARG B 90 -0.59 0.12 8.79
C ARG B 90 -1.41 1.29 9.25
C ARG B 90 -1.41 1.31 9.29
N CYS B 91 -2.65 1.07 9.72
CA CYS B 91 -3.49 2.17 10.27
C CYS B 91 -2.75 2.85 11.39
N ARG B 92 -2.15 2.04 12.26
CA ARG B 92 -1.45 2.60 13.43
C ARG B 92 -0.30 3.50 13.01
N GLN B 93 0.47 3.09 12.00
CA GLN B 93 1.57 3.93 11.49
C GLN B 93 1.05 5.25 10.92
N VAL B 94 0.03 5.16 10.07
CA VAL B 94 -0.55 6.40 9.47
C VAL B 94 -1.11 7.31 10.56
N LEU B 95 -1.80 6.71 11.53
CA LEU B 95 -2.37 7.51 12.63
C LEU B 95 -1.28 8.17 13.48
N LEU B 96 -0.24 7.43 13.80
CA LEU B 96 0.90 7.99 14.53
C LEU B 96 1.48 9.17 13.75
N ASP B 97 1.62 9.02 12.44
CA ASP B 97 2.28 10.04 11.64
C ASP B 97 1.43 11.26 11.32
N LEU B 98 0.12 11.07 11.21
CA LEU B 98 -0.76 12.17 10.83
C LEU B 98 -1.62 12.77 11.95
N HIS B 99 -1.89 11.96 12.99
CA HIS B 99 -2.62 12.42 14.17
C HIS B 99 -1.97 11.83 15.43
N PRO B 100 -0.73 12.27 15.73
CA PRO B 100 0.02 11.67 16.85
C PRO B 100 -0.67 11.73 18.23
N GLY B 101 -1.62 12.64 18.41
CA GLY B 101 -2.36 12.73 19.66
C GLY B 101 -3.57 11.81 19.78
N ILE B 102 -3.86 11.06 18.71
CA ILE B 102 -5.14 10.35 18.65
C ILE B 102 -5.17 9.14 19.59
N LYS B 103 -6.38 8.76 20.00
CA LYS B 103 -6.60 7.48 20.64
C LYS B 103 -7.40 6.56 19.74
N ALA B 104 -7.20 5.26 19.88
CA ALA B 104 -8.04 4.29 19.16
C ALA B 104 -8.80 3.48 20.19
N ILE B 105 -10.05 3.18 19.88
CA ILE B 105 -10.86 2.32 20.71
C ILE B 105 -10.61 0.87 20.32
N VAL B 106 -10.22 0.09 21.32
CA VAL B 106 -9.96 -1.34 21.16
C VAL B 106 -10.70 -2.08 22.29
N LYS B 107 -10.71 -3.40 22.20
CA LYS B 107 -11.32 -4.23 23.26
C LYS B 107 -10.27 -4.52 24.31
N ASP B 108 -10.62 -4.32 25.58
CA ASP B 108 -9.71 -4.73 26.65
C ASP B 108 -9.84 -6.23 26.88
N SER B 109 -9.17 -6.73 27.92
CA SER B 109 -9.22 -8.15 28.29
C SER B 109 -10.62 -8.70 28.55
N ASP B 110 -11.47 -7.87 29.14
CA ASP B 110 -12.84 -8.28 29.45
C ASP B 110 -13.77 -8.16 28.24
N GLY B 111 -13.19 -7.78 27.10
CA GLY B 111 -13.94 -7.66 25.84
C GLY B 111 -14.66 -6.33 25.72
N GLN B 112 -14.35 -5.41 26.63
CA GLN B 112 -15.05 -4.13 26.69
C GLN B 112 -14.25 -2.99 26.04
N PRO B 113 -14.96 -2.02 25.42
CA PRO B 113 -14.34 -0.91 24.68
C PRO B 113 -13.45 -0.06 25.58
N THR B 114 -12.23 0.21 25.13
CA THR B 114 -11.35 1.11 25.86
C THR B 114 -10.55 1.96 24.85
N ALA B 115 -10.37 3.24 25.17
CA ALA B 115 -9.56 4.14 24.32
C ALA B 115 -8.08 4.17 24.74
N VAL B 116 -7.20 3.91 23.77
CA VAL B 116 -5.77 3.76 24.01
C VAL B 116 -5.01 4.74 23.12
N GLY B 117 -4.06 5.45 23.70
CA GLY B 117 -3.19 6.36 22.95
C GLY B 117 -2.50 5.60 21.83
N ILE B 118 -2.42 6.22 20.65
CA ILE B 118 -1.82 5.55 19.49
C ILE B 118 -0.40 5.05 19.76
N ARG B 119 0.38 5.80 20.55
CA ARG B 119 1.75 5.38 20.84
C ARG B 119 1.81 4.10 21.62
N GLU B 120 0.80 3.82 22.42
CA GLU B 120 0.75 2.55 23.15
C GLU B 120 0.50 1.36 22.22
N LEU B 121 -0.17 1.64 21.10
CA LEU B 121 -0.45 0.61 20.09
C LEU B 121 0.70 0.34 19.13
N LEU B 122 1.72 1.22 19.15
CA LEU B 122 2.94 1.03 18.36
C LEU B 122 4.16 1.31 19.24
N PRO B 123 4.42 0.43 20.21
CA PRO B 123 5.60 0.59 21.06
C PRO B 123 6.92 0.55 20.29
N SER B 124 7.97 1.22 20.78
CA SER B 124 9.23 1.32 20.05
C SER B 124 8.94 1.76 18.61
N GLY B 125 8.09 2.77 18.46
CA GLY B 125 7.57 3.15 17.13
C GLY B 125 8.60 3.73 16.18
N TYR B 126 8.51 3.35 14.90
CA TYR B 126 9.30 3.98 13.85
C TYR B 126 8.82 5.41 13.67
N VAL B 127 9.75 6.35 13.76
CA VAL B 127 9.43 7.77 13.67
C VAL B 127 9.66 8.26 12.25
N TRP B 128 8.60 8.39 11.46
CA TRP B 128 8.78 8.88 10.10
C TRP B 128 9.14 10.36 10.10
N GLU B 129 10.28 10.68 9.48
CA GLU B 129 10.64 12.08 9.33
C GLU B 129 10.51 12.51 7.87
N GLY B 130 10.57 13.80 7.62
CA GLY B 130 10.22 14.33 6.29
C GLY B 130 8.98 13.64 5.75
N PRO C 2 -15.77 17.43 -25.14
CA PRO C 2 -16.67 18.57 -25.05
C PRO C 2 -16.44 19.34 -23.75
N LEU C 3 -17.52 19.75 -23.11
CA LEU C 3 -17.56 19.80 -21.66
C LEU C 3 -19.00 19.61 -21.29
N SER C 4 -19.40 18.36 -21.10
CA SER C 4 -20.77 18.04 -20.68
C SER C 4 -21.04 18.66 -19.31
N GLN C 5 -22.31 18.86 -19.00
CA GLN C 5 -22.69 19.44 -17.72
C GLN C 5 -22.20 18.54 -16.58
N GLU C 6 -22.26 17.24 -16.85
CA GLU C 6 -21.86 16.21 -15.90
C GLU C 6 -20.36 16.28 -15.61
N GLU C 7 -19.54 16.39 -16.66
CA GLU C 7 -18.08 16.52 -16.53
C GLU C 7 -17.73 17.76 -15.77
N SER C 8 -18.29 18.88 -16.22
CA SER C 8 -18.02 20.17 -15.65
C SER C 8 -18.36 20.19 -14.15
N THR C 9 -19.50 19.59 -13.78
CA THR C 9 -19.92 19.55 -12.39
C THR C 9 -18.97 18.73 -11.51
N LEU C 10 -18.57 17.54 -11.96
CA LEU C 10 -17.60 16.71 -11.20
C LEU C 10 -16.29 17.44 -11.00
N ILE C 11 -15.78 18.04 -12.08
CA ILE C 11 -14.56 18.83 -11.97
C ILE C 11 -14.73 19.98 -10.98
N GLU C 12 -15.86 20.68 -11.04
CA GLU C 12 -16.07 21.82 -10.14
C GLU C 12 -16.17 21.37 -8.69
N ARG C 13 -16.86 20.26 -8.47
CA ARG C 13 -17.00 19.70 -7.11
C ARG C 13 -15.66 19.30 -6.52
N ALA C 14 -14.83 18.61 -7.30
CA ALA C 14 -13.50 18.23 -6.84
C ALA C 14 -12.62 19.46 -6.64
N THR C 15 -12.72 20.43 -7.55
CA THR C 15 -11.91 21.65 -7.42
C THR C 15 -12.32 22.42 -6.17
N ALA C 16 -13.63 22.60 -5.96
CA ALA C 16 -14.10 23.30 -4.77
C ALA C 16 -13.59 22.63 -3.50
N THR C 17 -13.67 21.31 -3.44
CA THR C 17 -13.22 20.54 -2.26
C THR C 17 -11.75 20.83 -1.90
N ILE C 18 -10.87 20.71 -2.87
CA ILE C 18 -9.45 20.89 -2.58
C ILE C 18 -9.12 22.35 -2.27
N ASN C 19 -9.78 23.28 -2.98
CA ASN C 19 -9.59 24.69 -2.73
C ASN C 19 -10.16 25.17 -1.40
N SER C 20 -11.03 24.37 -0.78
CA SER C 20 -11.66 24.73 0.49
C SER C 20 -10.85 24.39 1.77
N ILE C 21 -9.77 23.63 1.64
CA ILE C 21 -8.99 23.20 2.81
C ILE C 21 -7.62 23.89 2.82
N PRO C 22 -6.99 24.00 4.02
CA PRO C 22 -5.64 24.59 4.11
C PRO C 22 -4.66 23.85 3.19
N ILE C 23 -3.78 24.60 2.53
CA ILE C 23 -2.75 23.99 1.69
C ILE C 23 -1.92 23.04 2.57
N SER C 24 -1.73 21.82 2.07
CA SER C 24 -1.12 20.73 2.83
C SER C 24 -0.33 19.82 1.92
N GLU C 25 0.83 19.34 2.40
CA GLU C 25 1.59 18.30 1.70
C GLU C 25 1.01 16.89 1.98
N ASP C 26 0.20 16.78 3.03
CA ASP C 26 -0.44 15.49 3.37
C ASP C 26 -1.78 15.31 2.66
N TYR C 27 -2.48 16.43 2.44
CA TYR C 27 -3.84 16.43 1.87
C TYR C 27 -3.82 17.45 0.75
N SER C 28 -3.51 16.98 -0.45
CA SER C 28 -3.14 17.88 -1.56
C SER C 28 -3.90 17.64 -2.84
N VAL C 29 -4.76 16.61 -2.86
CA VAL C 29 -5.57 16.30 -4.03
C VAL C 29 -6.99 15.98 -3.59
N ALA C 30 -8.00 16.44 -4.34
CA ALA C 30 -9.37 15.98 -4.08
C ALA C 30 -9.91 15.23 -5.27
N SER C 31 -10.94 14.43 -5.02
CA SER C 31 -11.61 13.64 -6.05
C SER C 31 -13.13 13.76 -5.84
N ALA C 32 -13.85 13.59 -6.93
CA ALA C 32 -15.32 13.50 -6.93
C ALA C 32 -15.72 12.41 -7.90
N ALA C 33 -16.75 11.66 -7.53
CA ALA C 33 -17.29 10.60 -8.39
C ALA C 33 -18.80 10.69 -8.39
N LEU C 34 -19.38 10.33 -9.53
CA LEU C 34 -20.82 10.30 -9.71
C LEU C 34 -21.28 8.86 -9.56
N SER C 35 -22.38 8.63 -8.82
CA SER C 35 -22.96 7.29 -8.67
C SER C 35 -24.17 7.18 -9.60
N SER C 36 -24.52 5.96 -9.98
CA SER C 36 -25.66 5.74 -10.88
C SER C 36 -26.99 6.06 -10.20
N ASP C 37 -27.00 6.11 -8.87
CA ASP C 37 -28.22 6.47 -8.14
C ASP C 37 -28.38 7.96 -7.84
N GLY C 38 -27.58 8.79 -8.52
CA GLY C 38 -27.78 10.24 -8.49
C GLY C 38 -27.19 10.98 -7.29
N ARG C 39 -25.97 10.58 -6.90
CA ARG C 39 -25.24 11.28 -5.84
C ARG C 39 -23.81 11.54 -6.33
N ILE C 40 -23.10 12.42 -5.62
CA ILE C 40 -21.69 12.69 -5.89
C ILE C 40 -20.93 12.53 -4.56
N PHE C 41 -19.81 11.83 -4.62
CA PHE C 41 -18.99 11.58 -3.43
C PHE C 41 -17.64 12.20 -3.61
N THR C 42 -17.14 12.82 -2.53
CA THR C 42 -15.88 13.55 -2.61
C THR C 42 -14.89 12.99 -1.59
N GLY C 43 -13.64 13.41 -1.68
CA GLY C 43 -12.62 12.93 -0.74
C GLY C 43 -11.34 13.68 -1.05
N VAL C 44 -10.39 13.62 -0.12
CA VAL C 44 -9.04 14.11 -0.37
C VAL C 44 -8.05 12.99 -0.03
N ASN C 45 -6.87 13.02 -0.66
CA ASN C 45 -5.89 11.98 -0.40
C ASN C 45 -5.33 12.08 1.01
N VAL C 46 -4.66 11.01 1.44
CA VAL C 46 -3.96 10.96 2.72
C VAL C 46 -2.56 10.44 2.40
N TYR C 47 -1.58 11.33 2.33
CA TYR C 47 -0.24 10.89 1.91
C TYR C 47 0.39 10.03 3.02
N HIS C 48 0.92 8.85 2.66
CA HIS C 48 1.80 8.14 3.59
C HIS C 48 2.65 7.12 2.84
N PHE C 49 3.89 6.93 3.31
CA PHE C 49 4.85 6.05 2.61
C PHE C 49 4.41 4.58 2.56
N THR C 50 3.52 4.18 3.46
CA THR C 50 2.99 2.80 3.48
C THR C 50 1.86 2.67 2.47
N GLY C 51 1.55 3.75 1.77
CA GLY C 51 0.52 3.69 0.74
C GLY C 51 -0.77 4.29 1.20
N GLY C 52 -0.69 5.46 1.86
CA GLY C 52 -1.91 6.21 2.21
C GLY C 52 -2.74 6.41 0.94
N PRO C 53 -4.09 6.32 1.07
CA PRO C 53 -4.91 6.28 -0.13
C PRO C 53 -4.85 7.56 -0.97
N CYS C 54 -4.88 7.41 -2.29
CA CYS C 54 -5.12 8.57 -3.16
C CYS C 54 -6.56 9.07 -2.93
N ALA C 55 -6.82 10.31 -3.35
CA ALA C 55 -8.15 10.92 -3.27
C ALA C 55 -9.22 9.98 -3.81
N GLN C 56 -8.95 9.36 -4.97
CA GLN C 56 -9.95 8.44 -5.56
C GLN C 56 -10.29 7.26 -4.66
N LEU C 57 -9.34 6.75 -3.88
CA LEU C 57 -9.68 5.60 -3.03
C LEU C 57 -10.51 6.06 -1.83
N VAL C 58 -10.24 7.28 -1.36
CA VAL C 58 -11.04 7.85 -0.27
C VAL C 58 -12.48 8.01 -0.80
N VAL C 59 -12.60 8.50 -2.04
CA VAL C 59 -13.93 8.61 -2.68
C VAL C 59 -14.63 7.24 -2.72
N LEU C 60 -13.91 6.18 -3.07
CA LEU C 60 -14.54 4.85 -3.15
C LEU C 60 -15.08 4.39 -1.81
N GLY C 61 -14.33 4.64 -0.73
CA GLY C 61 -14.75 4.26 0.64
C GLY C 61 -15.91 5.12 1.13
N THR C 62 -15.96 6.37 0.68
CA THR C 62 -17.01 7.33 1.04
C THR C 62 -18.33 6.92 0.31
N ALA C 63 -18.21 6.57 -0.98
CA ALA C 63 -19.33 6.01 -1.76
C ALA C 63 -19.83 4.71 -1.12
N ALA C 64 -18.91 3.81 -0.79
CA ALA C 64 -19.28 2.55 -0.15
C ALA C 64 -20.01 2.80 1.18
N ALA C 65 -19.55 3.79 1.93
CA ALA C 65 -20.16 4.11 3.24
C ALA C 65 -21.63 4.57 3.13
N ALA C 66 -21.96 5.11 1.98
CA ALA C 66 -23.30 5.60 1.69
C ALA C 66 -24.14 4.59 0.88
N ALA C 67 -23.64 3.35 0.72
CA ALA C 67 -24.28 2.32 -0.14
C ALA C 67 -24.54 2.81 -1.57
N ALA C 68 -23.54 3.49 -2.13
CA ALA C 68 -23.67 4.16 -3.43
C ALA C 68 -23.83 3.22 -4.61
N GLY C 69 -23.39 1.97 -4.48
CA GLY C 69 -23.26 1.05 -5.60
C GLY C 69 -22.28 1.55 -6.68
N ASN C 70 -22.72 1.44 -7.93
CA ASN C 70 -21.88 1.73 -9.11
C ASN C 70 -21.54 3.21 -9.31
N LEU C 71 -20.24 3.47 -9.41
CA LEU C 71 -19.76 4.79 -9.76
C LEU C 71 -19.49 4.83 -11.26
N THR C 72 -19.90 5.91 -11.90
CA THR C 72 -19.85 5.97 -13.35
C THR C 72 -18.76 6.86 -13.87
N CYS C 73 -18.36 7.84 -13.07
CA CYS C 73 -17.30 8.75 -13.47
C CYS C 73 -16.56 9.30 -12.26
N ILE C 74 -15.26 9.53 -12.43
CA ILE C 74 -14.45 10.04 -11.32
C ILE C 74 -13.37 10.97 -11.88
N VAL C 75 -13.03 12.00 -11.11
CA VAL C 75 -11.94 12.90 -11.48
C VAL C 75 -11.10 13.23 -10.23
N ALA C 76 -9.81 13.56 -10.40
CA ALA C 76 -9.00 14.11 -9.32
C ALA C 76 -8.48 15.49 -9.72
N ILE C 77 -8.43 16.39 -8.74
CA ILE C 77 -7.96 17.75 -8.94
C ILE C 77 -6.87 18.05 -7.91
N GLY C 78 -5.71 18.49 -8.40
CA GLY C 78 -4.60 18.91 -7.54
C GLY C 78 -4.83 20.27 -6.89
N ASN C 79 -4.24 20.45 -5.72
CA ASN C 79 -4.22 21.73 -5.06
C ASN C 79 -3.40 22.75 -5.86
N GLU C 80 -3.41 23.98 -5.35
CA GLU C 80 -2.69 25.11 -5.93
C GLU C 80 -2.94 25.26 -7.43
N ASN C 81 -4.21 25.15 -7.80
CA ASN C 81 -4.67 25.33 -9.19
C ASN C 81 -4.03 24.44 -10.23
N ARG C 82 -3.69 23.20 -9.84
CA ARG C 82 -3.04 22.28 -10.77
C ARG C 82 -3.99 21.62 -11.75
N GLY C 83 -5.28 21.71 -11.48
CA GLY C 83 -6.27 21.10 -12.35
C GLY C 83 -6.25 19.59 -12.31
N ILE C 84 -6.69 18.98 -13.41
CA ILE C 84 -6.90 17.53 -13.48
C ILE C 84 -5.61 16.73 -13.38
N LEU C 85 -5.62 15.75 -12.48
CA LEU C 85 -4.55 14.78 -12.39
C LEU C 85 -5.10 13.43 -12.76
N SER C 86 -4.39 12.74 -13.64
CA SER C 86 -4.72 11.37 -13.99
C SER C 86 -4.57 10.45 -12.79
N PRO C 87 -5.45 9.43 -12.72
CA PRO C 87 -5.35 8.44 -11.64
C PRO C 87 -4.01 7.75 -11.73
N CYS C 88 -3.40 7.50 -10.57
CA CYS C 88 -2.11 6.83 -10.59
C CYS C 88 -2.40 5.38 -10.94
N GLY C 89 -1.36 4.63 -11.26
CA GLY C 89 -1.54 3.23 -11.57
C GLY C 89 -2.25 2.37 -10.52
N ARG C 90 -1.97 2.59 -9.23
N ARG C 90 -1.96 2.60 -9.24
CA ARG C 90 -2.69 1.84 -8.21
CA ARG C 90 -2.66 1.90 -8.17
C ARG C 90 -4.19 2.18 -8.24
C ARG C 90 -4.16 2.19 -8.24
N CYS C 91 -4.52 3.45 -8.40
CA CYS C 91 -5.93 3.86 -8.52
C CYS C 91 -6.58 3.20 -9.70
N ARG C 92 -5.86 3.12 -10.82
CA ARG C 92 -6.40 2.47 -12.03
C ARG C 92 -6.72 1.01 -11.77
N GLN C 93 -5.83 0.32 -11.06
CA GLN C 93 -6.05 -1.08 -10.73
C GLN C 93 -7.28 -1.27 -9.82
N VAL C 94 -7.38 -0.46 -8.76
CA VAL C 94 -8.50 -0.58 -7.82
C VAL C 94 -9.81 -0.26 -8.53
N LEU C 95 -9.79 0.78 -9.35
CA LEU C 95 -10.97 1.18 -10.11
C LEU C 95 -11.39 0.09 -11.08
N LEU C 96 -10.42 -0.53 -11.77
CA LEU C 96 -10.76 -1.58 -12.74
C LEU C 96 -11.41 -2.76 -12.03
N ASP C 97 -10.88 -3.07 -10.84
CA ASP C 97 -11.33 -4.22 -10.07
C ASP C 97 -12.66 -3.99 -9.35
N LEU C 98 -12.89 -2.76 -8.84
CA LEU C 98 -14.10 -2.51 -8.04
C LEU C 98 -15.25 -1.82 -8.80
N HIS C 99 -14.90 -1.07 -9.84
CA HIS C 99 -15.88 -0.37 -10.66
C HIS C 99 -15.51 -0.47 -12.15
N PRO C 100 -15.55 -1.68 -12.72
CA PRO C 100 -15.07 -1.88 -14.10
C PRO C 100 -15.81 -1.03 -15.13
N GLY C 101 -17.02 -0.55 -14.80
CA GLY C 101 -17.80 0.27 -15.73
C GLY C 101 -17.44 1.74 -15.71
N ILE C 102 -16.53 2.13 -14.81
CA ILE C 102 -16.28 3.54 -14.56
C ILE C 102 -15.43 4.21 -15.66
N LYS C 103 -15.64 5.51 -15.81
CA LYS C 103 -14.79 6.36 -16.64
C LYS C 103 -14.02 7.32 -15.74
N ALA C 104 -12.80 7.66 -16.13
CA ALA C 104 -12.00 8.66 -15.44
C ALA C 104 -11.80 9.88 -16.33
N ILE C 105 -11.88 11.06 -15.75
CA ILE C 105 -11.60 12.29 -16.49
C ILE C 105 -10.10 12.57 -16.44
N VAL C 106 -9.48 12.68 -17.61
CA VAL C 106 -8.04 12.94 -17.75
C VAL C 106 -7.90 14.09 -18.75
N LYS C 107 -6.71 14.68 -18.86
CA LYS C 107 -6.49 15.68 -19.92
C LYS C 107 -6.15 15.01 -21.25
N ASP C 108 -6.70 15.53 -22.35
CA ASP C 108 -6.36 15.07 -23.69
C ASP C 108 -5.13 15.81 -24.22
N SER C 109 -4.79 15.55 -25.48
CA SER C 109 -3.65 16.18 -26.16
C SER C 109 -3.66 17.71 -26.15
N ASP C 110 -4.84 18.32 -26.20
CA ASP C 110 -4.97 19.77 -26.15
C ASP C 110 -5.10 20.32 -24.73
N GLY C 111 -4.94 19.43 -23.74
CA GLY C 111 -5.01 19.79 -22.33
C GLY C 111 -6.43 19.97 -21.85
N GLN C 112 -7.37 19.40 -22.57
CA GLN C 112 -8.79 19.58 -22.29
C GLN C 112 -9.39 18.35 -21.61
N PRO C 113 -10.38 18.55 -20.72
CA PRO C 113 -10.93 17.39 -20.00
C PRO C 113 -11.57 16.35 -20.94
N THR C 114 -11.24 15.08 -20.73
CA THR C 114 -11.82 13.99 -21.51
C THR C 114 -12.10 12.77 -20.63
N ALA C 115 -13.29 12.19 -20.77
CA ALA C 115 -13.65 10.99 -20.02
C ALA C 115 -13.29 9.74 -20.78
N VAL C 116 -12.51 8.87 -20.15
CA VAL C 116 -12.04 7.62 -20.77
C VAL C 116 -12.41 6.41 -19.92
N GLY C 117 -12.73 5.29 -20.57
CA GLY C 117 -13.03 4.03 -19.88
C GLY C 117 -11.80 3.57 -19.11
N ILE C 118 -12.02 3.01 -17.92
CA ILE C 118 -10.91 2.64 -17.04
C ILE C 118 -9.96 1.65 -17.70
N ARG C 119 -10.49 0.76 -18.54
CA ARG C 119 -9.68 -0.26 -19.22
C ARG C 119 -8.71 0.34 -20.24
N GLU C 120 -9.09 1.46 -20.86
CA GLU C 120 -8.21 2.24 -21.73
C GLU C 120 -6.99 2.80 -20.97
N LEU C 121 -7.13 2.95 -19.66
CA LEU C 121 -6.04 3.49 -18.83
C LEU C 121 -5.10 2.40 -18.29
N LEU C 122 -5.53 1.16 -18.40
CA LEU C 122 -4.70 -0.01 -18.09
C LEU C 122 -4.75 -1.04 -19.22
N PRO C 123 -4.06 -0.77 -20.35
CA PRO C 123 -4.01 -1.73 -21.45
C PRO C 123 -3.34 -3.02 -21.01
N SER C 124 -3.82 -4.15 -21.53
CA SER C 124 -3.34 -5.48 -21.13
C SER C 124 -3.36 -5.62 -19.60
N GLY C 125 -4.51 -5.30 -19.02
CA GLY C 125 -4.65 -5.21 -17.57
C GLY C 125 -4.58 -6.53 -16.84
N TYR C 126 -3.89 -6.53 -15.70
CA TYR C 126 -3.92 -7.67 -14.80
C TYR C 126 -5.32 -7.79 -14.21
N VAL C 127 -5.87 -8.99 -14.29
CA VAL C 127 -7.25 -9.23 -13.90
C VAL C 127 -7.27 -10.02 -12.61
N TRP C 128 -7.64 -9.38 -11.51
CA TRP C 128 -7.46 -9.99 -10.19
C TRP C 128 -8.42 -11.15 -9.91
N GLU C 129 -7.81 -12.31 -9.65
CA GLU C 129 -8.48 -13.61 -9.51
C GLU C 129 -9.32 -13.97 -10.75
N GLY C 130 -8.67 -13.95 -11.91
CA GLY C 130 -9.38 -14.08 -13.19
C GLY C 130 -9.05 -15.34 -13.97
N PRO D 2 11.49 -9.54 -32.34
CA PRO D 2 10.91 -9.96 -31.06
C PRO D 2 11.61 -11.19 -30.47
N LEU D 3 11.32 -11.51 -29.21
CA LEU D 3 11.78 -12.74 -28.55
C LEU D 3 13.30 -12.87 -28.45
N SER D 4 14.00 -11.73 -28.44
CA SER D 4 15.46 -11.73 -28.30
C SER D 4 15.91 -12.46 -27.04
N GLN D 5 17.00 -13.21 -27.16
CA GLN D 5 17.49 -14.10 -26.10
C GLN D 5 17.40 -13.59 -24.66
N GLU D 6 17.61 -12.28 -24.48
CA GLU D 6 17.54 -11.62 -23.17
C GLU D 6 16.19 -11.82 -22.50
N GLU D 7 15.11 -11.50 -23.23
CA GLU D 7 13.75 -11.62 -22.69
C GLU D 7 13.30 -13.06 -22.51
N SER D 8 13.68 -13.93 -23.44
CA SER D 8 13.38 -15.34 -23.32
C SER D 8 13.98 -15.86 -22.00
N THR D 9 15.19 -15.42 -21.70
CA THR D 9 15.88 -15.77 -20.45
C THR D 9 15.15 -15.26 -19.21
N LEU D 10 14.59 -14.04 -19.26
CA LEU D 10 13.81 -13.52 -18.13
C LEU D 10 12.63 -14.41 -17.81
N ILE D 11 11.90 -14.83 -18.85
CA ILE D 11 10.76 -15.71 -18.66
C ILE D 11 11.19 -17.04 -18.05
N GLU D 12 12.31 -17.58 -18.54
CA GLU D 12 12.89 -18.80 -18.04
C GLU D 12 13.23 -18.70 -16.56
N ARG D 13 13.89 -17.60 -16.19
CA ARG D 13 14.36 -17.43 -14.82
C ARG D 13 13.19 -17.27 -13.85
N ALA D 14 12.22 -16.45 -14.25
CA ALA D 14 11.05 -16.22 -13.40
C ALA D 14 10.21 -17.49 -13.25
N THR D 15 10.03 -18.23 -14.35
CA THR D 15 9.28 -19.50 -14.33
C THR D 15 9.97 -20.51 -13.40
N ALA D 16 11.28 -20.68 -13.56
CA ALA D 16 12.07 -21.53 -12.69
C ALA D 16 11.93 -21.16 -11.20
N THR D 17 11.92 -19.85 -10.93
CA THR D 17 11.84 -19.39 -9.56
C THR D 17 10.52 -19.76 -8.90
N ILE D 18 9.40 -19.42 -9.54
CA ILE D 18 8.11 -19.76 -8.97
C ILE D 18 7.87 -21.29 -8.89
N ASN D 19 8.32 -22.05 -9.90
CA ASN D 19 8.16 -23.53 -9.84
C ASN D 19 9.05 -24.24 -8.81
N SER D 20 10.04 -23.54 -8.29
CA SER D 20 10.95 -24.14 -7.31
C SER D 20 10.49 -24.03 -5.85
N ILE D 21 9.42 -23.27 -5.59
CA ILE D 21 8.95 -23.10 -4.20
C ILE D 21 7.61 -23.79 -3.98
N PRO D 22 7.30 -24.15 -2.71
CA PRO D 22 5.99 -24.78 -2.45
C PRO D 22 4.83 -23.90 -2.91
N ILE D 23 3.77 -24.53 -3.43
CA ILE D 23 2.56 -23.82 -3.82
C ILE D 23 1.96 -23.08 -2.62
N SER D 24 1.68 -21.79 -2.83
CA SER D 24 1.27 -20.92 -1.73
C SER D 24 0.36 -19.84 -2.26
N GLU D 25 -0.60 -19.44 -1.44
CA GLU D 25 -1.45 -18.30 -1.76
C GLU D 25 -0.81 -16.99 -1.34
N ASP D 26 0.24 -17.06 -0.54
CA ASP D 26 0.98 -15.85 -0.09
C ASP D 26 2.10 -15.51 -1.06
N TYR D 27 2.75 -16.56 -1.59
CA TYR D 27 3.89 -16.43 -2.48
C TYR D 27 3.59 -17.19 -3.77
N SER D 28 3.00 -16.50 -4.74
CA SER D 28 2.30 -17.17 -5.84
C SER D 28 2.75 -16.70 -7.24
N VAL D 29 3.62 -15.68 -7.28
CA VAL D 29 4.11 -15.11 -8.53
C VAL D 29 5.59 -14.81 -8.35
N ALA D 30 6.38 -15.08 -9.38
CA ALA D 30 7.78 -14.65 -9.42
C ALA D 30 8.02 -13.62 -10.51
N SER D 31 9.10 -12.87 -10.35
CA SER D 31 9.47 -11.88 -11.32
C SER D 31 10.96 -11.96 -11.56
N ALA D 32 11.36 -11.53 -12.75
CA ALA D 32 12.76 -11.42 -13.10
C ALA D 32 12.98 -10.16 -13.90
N ALA D 33 14.04 -9.44 -13.55
CA ALA D 33 14.42 -8.25 -14.26
C ALA D 33 15.86 -8.29 -14.73
N LEU D 34 16.09 -7.65 -15.86
CA LEU D 34 17.41 -7.43 -16.39
C LEU D 34 17.88 -6.01 -16.05
N SER D 35 19.10 -5.90 -15.53
CA SER D 35 19.71 -4.58 -15.35
C SER D 35 20.48 -4.12 -16.60
N SER D 36 20.79 -2.81 -16.65
CA SER D 36 21.52 -2.24 -17.80
C SER D 36 22.88 -2.90 -18.01
N ASP D 37 23.52 -3.37 -16.93
CA ASP D 37 24.82 -4.04 -17.07
C ASP D 37 24.74 -5.56 -17.32
N GLY D 38 23.52 -6.07 -17.45
CA GLY D 38 23.29 -7.44 -17.89
C GLY D 38 23.02 -8.45 -16.81
N ARG D 39 22.93 -8.01 -15.56
CA ARG D 39 22.60 -8.93 -14.48
C ARG D 39 21.10 -9.18 -14.42
N ILE D 40 20.74 -10.34 -13.89
CA ILE D 40 19.34 -10.70 -13.71
C ILE D 40 19.01 -10.82 -12.21
N PHE D 41 17.85 -10.29 -11.82
CA PHE D 41 17.42 -10.32 -10.43
C PHE D 41 16.03 -10.92 -10.40
N THR D 42 15.79 -11.73 -9.36
CA THR D 42 14.51 -12.44 -9.21
C THR D 42 13.91 -12.18 -7.84
N GLY D 43 12.64 -12.58 -7.69
CA GLY D 43 11.91 -12.34 -6.45
C GLY D 43 10.53 -12.96 -6.58
N VAL D 44 9.86 -13.15 -5.44
CA VAL D 44 8.44 -13.54 -5.46
C VAL D 44 7.61 -12.54 -4.64
N ASN D 45 6.32 -12.51 -4.91
CA ASN D 45 5.43 -11.56 -4.23
C ASN D 45 5.19 -11.93 -2.77
N VAL D 46 4.66 -10.97 -2.00
CA VAL D 46 4.29 -11.19 -0.62
C VAL D 46 2.87 -10.67 -0.51
N TYR D 47 1.88 -11.58 -0.48
CA TYR D 47 0.49 -11.11 -0.45
C TYR D 47 0.15 -10.51 0.89
N HIS D 48 -0.41 -9.30 0.89
CA HIS D 48 -1.04 -8.82 2.11
C HIS D 48 -2.05 -7.72 1.82
N PHE D 49 -3.11 -7.67 2.61
CA PHE D 49 -4.20 -6.73 2.35
C PHE D 49 -3.75 -5.27 2.49
N THR D 50 -2.66 -5.02 3.22
CA THR D 50 -2.16 -3.65 3.36
C THR D 50 -1.30 -3.26 2.18
N GLY D 51 -1.21 -4.13 1.18
CA GLY D 51 -0.42 -3.88 -0.03
C GLY D 51 0.95 -4.55 0.00
N GLY D 52 0.98 -5.84 0.36
CA GLY D 52 2.24 -6.62 0.26
C GLY D 52 2.75 -6.51 -1.16
N PRO D 53 4.07 -6.40 -1.33
CA PRO D 53 4.60 -6.10 -2.65
C PRO D 53 4.30 -7.21 -3.66
N CYS D 54 3.95 -6.82 -4.88
CA CYS D 54 3.98 -7.75 -6.01
C CYS D 54 5.41 -8.21 -6.23
N ALA D 55 5.57 -9.33 -6.93
CA ALA D 55 6.88 -9.89 -7.21
C ALA D 55 7.85 -8.87 -7.87
N GLN D 56 7.33 -8.01 -8.75
CA GLN D 56 8.16 -6.98 -9.38
C GLN D 56 8.74 -5.97 -8.38
N LEU D 57 7.97 -5.61 -7.36
CA LEU D 57 8.48 -4.69 -6.32
C LEU D 57 9.56 -5.34 -5.46
N VAL D 58 9.42 -6.63 -5.19
CA VAL D 58 10.49 -7.38 -4.51
C VAL D 58 11.76 -7.40 -5.36
N VAL D 59 11.58 -7.59 -6.66
CA VAL D 59 12.70 -7.53 -7.60
C VAL D 59 13.40 -6.15 -7.60
N LEU D 60 12.61 -5.08 -7.64
CA LEU D 60 13.19 -3.74 -7.51
C LEU D 60 14.08 -3.61 -6.28
N GLY D 61 13.63 -4.13 -5.14
CA GLY D 61 14.37 -3.99 -3.90
C GLY D 61 15.60 -4.89 -3.88
N THR D 62 15.49 -6.05 -4.52
CA THR D 62 16.61 -6.99 -4.68
C THR D 62 17.71 -6.40 -5.58
N ALA D 63 17.31 -5.82 -6.72
CA ALA D 63 18.26 -5.13 -7.62
C ALA D 63 18.95 -3.97 -6.92
N ALA D 64 18.16 -3.15 -6.24
CA ALA D 64 18.67 -1.99 -5.50
C ALA D 64 19.66 -2.43 -4.42
N ALA D 65 19.41 -3.57 -3.77
CA ALA D 65 20.34 -4.10 -2.75
C ALA D 65 21.70 -4.52 -3.34
N ALA D 66 21.72 -4.82 -4.63
CA ALA D 66 22.94 -5.16 -5.39
C ALA D 66 23.50 -3.97 -6.18
N ALA D 67 22.96 -2.79 -5.92
CA ALA D 67 23.35 -1.56 -6.64
C ALA D 67 23.27 -1.73 -8.16
N ALA D 68 22.21 -2.38 -8.62
CA ALA D 68 22.05 -2.74 -10.04
C ALA D 68 21.85 -1.55 -10.96
N GLY D 69 21.44 -0.41 -10.42
CA GLY D 69 21.12 0.76 -11.22
C GLY D 69 19.85 0.58 -12.05
N ASN D 70 19.85 1.09 -13.27
CA ASN D 70 18.71 0.96 -14.19
C ASN D 70 18.34 -0.49 -14.51
N LEU D 71 17.06 -0.78 -14.35
CA LEU D 71 16.47 -2.02 -14.85
C LEU D 71 15.85 -1.75 -16.22
N THR D 72 16.14 -2.63 -17.18
CA THR D 72 15.70 -2.41 -18.57
C THR D 72 14.51 -3.25 -19.01
N CYS D 73 14.31 -4.41 -18.39
CA CYS D 73 13.16 -5.23 -18.72
C CYS D 73 12.74 -6.04 -17.52
N ILE D 74 11.46 -6.41 -17.43
CA ILE D 74 10.93 -7.14 -16.26
C ILE D 74 9.72 -7.96 -16.67
N VAL D 75 9.58 -9.14 -16.09
CA VAL D 75 8.45 -10.04 -16.36
C VAL D 75 7.97 -10.64 -15.05
N ALA D 76 6.68 -10.99 -14.98
CA ALA D 76 6.11 -11.76 -13.87
C ALA D 76 5.50 -13.06 -14.41
N ILE D 77 5.72 -14.15 -13.69
CA ILE D 77 5.19 -15.46 -14.07
C ILE D 77 4.41 -15.97 -12.88
N GLY D 78 3.16 -16.37 -13.09
CA GLY D 78 2.35 -16.94 -12.00
C GLY D 78 2.64 -18.40 -11.74
N ASN D 79 2.36 -18.86 -10.52
CA ASN D 79 2.48 -20.29 -10.19
C ASN D 79 1.46 -21.14 -10.94
N GLU D 80 1.48 -22.45 -10.67
CA GLU D 80 0.58 -23.42 -11.31
C GLU D 80 0.50 -23.24 -12.83
N ASN D 81 1.65 -23.00 -13.45
CA ASN D 81 1.79 -22.86 -14.91
C ASN D 81 0.90 -21.81 -15.57
N ARG D 82 0.70 -20.67 -14.91
CA ARG D 82 -0.15 -19.64 -15.46
C ARG D 82 0.56 -18.81 -16.51
N GLY D 83 1.90 -18.89 -16.54
CA GLY D 83 2.67 -18.10 -17.50
C GLY D 83 2.74 -16.62 -17.14
N ILE D 84 2.90 -15.78 -18.17
CA ILE D 84 3.12 -14.35 -18.01
C ILE D 84 1.89 -13.68 -17.40
N LEU D 85 2.12 -12.86 -16.37
CA LEU D 85 1.09 -11.98 -15.82
C LEU D 85 1.51 -10.53 -16.05
N SER D 86 0.57 -9.73 -16.57
CA SER D 86 0.80 -8.31 -16.79
C SER D 86 1.02 -7.64 -15.43
N PRO D 87 1.94 -6.64 -15.36
CA PRO D 87 2.12 -5.94 -14.07
C PRO D 87 0.80 -5.24 -13.69
N CYS D 88 0.46 -5.26 -12.41
CA CYS D 88 -0.75 -4.58 -11.95
C CYS D 88 -0.55 -3.08 -12.08
N GLY D 89 -1.62 -2.31 -11.87
CA GLY D 89 -1.53 -0.86 -11.97
C GLY D 89 -0.54 -0.22 -11.00
N ARG D 90 -0.49 -0.74 -9.77
N ARG D 90 -0.48 -0.73 -9.77
CA ARG D 90 0.45 -0.23 -8.77
CA ARG D 90 0.48 -0.16 -8.82
C ARG D 90 1.88 -0.43 -9.25
C ARG D 90 1.91 -0.42 -9.28
N CYS D 91 2.17 -1.65 -9.74
CA CYS D 91 3.50 -1.98 -10.28
C CYS D 91 3.87 -1.03 -11.39
N ARG D 92 2.93 -0.76 -12.29
CA ARG D 92 3.20 0.13 -13.41
C ARG D 92 3.64 1.51 -12.92
N GLN D 93 2.99 2.00 -11.86
CA GLN D 93 3.27 3.33 -11.34
C GLN D 93 4.65 3.36 -10.70
N VAL D 94 4.96 2.36 -9.89
CA VAL D 94 6.30 2.30 -9.26
C VAL D 94 7.38 2.20 -10.34
N LEU D 95 7.19 1.29 -11.30
CA LEU D 95 8.12 1.17 -12.45
C LEU D 95 8.33 2.48 -13.24
N LEU D 96 7.24 3.18 -13.53
CA LEU D 96 7.31 4.44 -14.26
C LEU D 96 8.16 5.44 -13.47
N ASP D 97 7.91 5.52 -12.17
CA ASP D 97 8.57 6.48 -11.31
C ASP D 97 10.02 6.11 -11.00
N LEU D 98 10.31 4.82 -10.83
CA LEU D 98 11.66 4.40 -10.41
C LEU D 98 12.58 3.96 -11.56
N HIS D 99 11.99 3.44 -12.62
CA HIS D 99 12.72 2.98 -13.81
C HIS D 99 11.99 3.38 -15.08
N PRO D 100 11.90 4.70 -15.36
CA PRO D 100 11.09 5.19 -16.51
C PRO D 100 11.52 4.62 -17.87
N GLY D 101 12.77 4.17 -17.98
CA GLY D 101 13.24 3.54 -19.22
C GLY D 101 12.97 2.04 -19.34
N ILE D 102 12.21 1.47 -18.40
CA ILE D 102 11.96 0.02 -18.38
C ILE D 102 10.86 -0.42 -19.38
N LYS D 103 10.99 -1.66 -19.82
CA LYS D 103 9.95 -2.38 -20.56
C LYS D 103 9.43 -3.54 -19.74
N ALA D 104 8.15 -3.82 -19.88
CA ALA D 104 7.56 -4.96 -19.21
C ALA D 104 7.09 -5.97 -20.28
N ILE D 105 7.35 -7.24 -20.03
CA ILE D 105 6.92 -8.32 -20.91
C ILE D 105 5.47 -8.67 -20.58
N VAL D 106 4.60 -8.52 -21.58
CA VAL D 106 3.18 -8.83 -21.47
C VAL D 106 2.80 -9.75 -22.63
N LYS D 107 1.57 -10.24 -22.64
CA LYS D 107 1.09 -11.08 -23.73
C LYS D 107 0.34 -10.23 -24.74
N ASP D 108 0.69 -10.39 -26.02
CA ASP D 108 -0.04 -9.73 -27.11
C ASP D 108 -1.35 -10.46 -27.43
N SER D 109 -2.09 -9.94 -28.40
CA SER D 109 -3.35 -10.53 -28.86
C SER D 109 -3.31 -12.06 -29.07
N ASP D 110 -2.17 -12.55 -29.58
CA ASP D 110 -1.94 -13.98 -29.82
C ASP D 110 -1.46 -14.73 -28.58
N GLY D 111 -1.41 -14.04 -27.43
CA GLY D 111 -0.89 -14.63 -26.21
C GLY D 111 0.60 -14.95 -26.30
N GLN D 112 1.32 -14.18 -27.11
CA GLN D 112 2.77 -14.33 -27.27
C GLN D 112 3.53 -13.23 -26.51
N PRO D 113 4.66 -13.60 -25.89
CA PRO D 113 5.47 -12.65 -25.12
C PRO D 113 5.93 -11.45 -25.95
N THR D 114 5.64 -10.25 -25.45
CA THR D 114 6.09 -9.02 -26.12
C THR D 114 6.54 -7.96 -25.10
N ALA D 115 7.64 -7.28 -25.39
CA ALA D 115 8.19 -6.30 -24.46
C ALA D 115 7.70 -4.90 -24.80
N VAL D 116 7.05 -4.27 -23.84
CA VAL D 116 6.38 -2.99 -24.04
C VAL D 116 6.93 -1.93 -23.10
N GLY D 117 7.24 -0.76 -23.64
CA GLY D 117 7.62 0.43 -22.85
C GLY D 117 6.62 0.67 -21.73
N ILE D 118 7.11 0.96 -20.53
CA ILE D 118 6.24 1.16 -19.38
C ILE D 118 5.19 2.26 -19.58
N ARG D 119 5.54 3.33 -20.29
CA ARG D 119 4.60 4.42 -20.58
C ARG D 119 3.38 4.01 -21.41
N GLU D 120 3.54 2.97 -22.22
CA GLU D 120 2.44 2.47 -23.04
C GLU D 120 1.47 1.66 -22.19
N LEU D 121 1.93 1.21 -21.02
CA LEU D 121 1.09 0.48 -20.07
C LEU D 121 0.38 1.43 -19.10
N LEU D 122 0.83 2.68 -19.06
CA LEU D 122 0.16 3.73 -18.29
C LEU D 122 -0.03 4.95 -19.15
N PRO D 123 -0.94 4.88 -20.13
CA PRO D 123 -1.24 6.01 -21.00
C PRO D 123 -1.77 7.17 -20.17
N SER D 124 -1.36 8.39 -20.51
CA SER D 124 -1.63 9.59 -19.69
C SER D 124 -1.25 9.39 -18.20
N GLY D 125 -0.05 8.86 -17.99
CA GLY D 125 0.45 8.54 -16.66
C GLY D 125 0.62 9.74 -15.73
N TYR D 126 0.22 9.55 -14.48
CA TYR D 126 0.55 10.50 -13.43
C TYR D 126 2.05 10.38 -13.21
N VAL D 127 2.75 11.49 -13.28
CA VAL D 127 4.20 11.47 -13.04
C VAL D 127 4.51 12.13 -11.69
N TRP D 128 5.00 11.34 -10.76
CA TRP D 128 5.26 11.83 -9.41
C TRP D 128 6.43 12.83 -9.38
N GLU D 129 6.18 14.01 -8.81
CA GLU D 129 7.21 15.05 -8.63
C GLU D 129 7.74 14.98 -7.20
N GLY D 130 8.36 16.07 -6.75
CA GLY D 130 8.74 16.26 -5.34
C GLY D 130 9.60 15.18 -4.68
#